data_5IJ1
#
_entry.id   5IJ1
#
_cell.length_a   174.522
_cell.length_b   46.769
_cell.length_c   64.761
_cell.angle_alpha   90.000
_cell.angle_beta   102.720
_cell.angle_gamma   90.000
#
_symmetry.space_group_name_H-M   'C 1 2 1'
#
loop_
_entity.id
_entity.type
_entity.pdbx_description
1 polymer 'Platelet-binding glycoprotein'
2 branched 'N-acetyl-alpha-neuraminic acid-(2-3)-beta-D-galactopyranose-(1-4)-beta-D-glucopyranose'
3 non-polymer 'CALCIUM ION'
4 non-polymer 'ACETATE ION'
5 water water
#
_entity_poly.entity_id   1
_entity_poly.type   'polypeptide(L)'
_entity_poly.pdbx_seq_one_letter_code
;RRATDTTPPTITVPSDIIAYRGEEFEFYFEITDDSGQVKNIELSTFGKPLGLNWLEYSEDNFNVPGNATSDNPLRVRVHG
TVPLNEPIPADKNRAQFTRTIRAWDAAGNVSSNITFVIKYRAQTDKYNPADPTITYVDRLSSLSPSEKNAVEAAVRAANP
QIPAAARITVSANGTVTITYPDSSTDTITANRVVKDLASSR
;
_entity_poly.pdbx_strand_id   A,B
#
# COMPACT_ATOMS: atom_id res chain seq x y z
N ARG A 1 58.69 -37.12 19.72
CA ARG A 1 57.25 -36.88 19.75
C ARG A 1 56.74 -36.89 21.19
N ARG A 2 56.05 -35.81 21.57
CA ARG A 2 55.53 -35.70 22.92
C ARG A 2 54.44 -36.73 23.15
N ALA A 3 54.39 -37.26 24.37
CA ALA A 3 53.50 -38.37 24.67
C ALA A 3 52.03 -37.94 24.73
N THR A 4 51.75 -36.64 24.90
CA THR A 4 50.37 -36.22 25.09
C THR A 4 50.13 -34.85 24.44
N ASP A 5 48.86 -34.58 24.18
CA ASP A 5 48.39 -33.29 23.72
C ASP A 5 48.08 -32.43 24.94
N THR A 6 48.84 -31.34 25.12
CA THR A 6 48.62 -30.43 26.23
C THR A 6 48.28 -29.03 25.74
N THR A 7 48.00 -28.87 24.45
CA THR A 7 47.83 -27.55 23.84
C THR A 7 46.37 -27.37 23.46
N PRO A 8 45.70 -26.33 23.92
CA PRO A 8 44.28 -26.14 23.58
C PRO A 8 44.12 -25.66 22.15
N PRO A 9 42.91 -25.72 21.61
CA PRO A 9 42.67 -25.20 20.25
C PRO A 9 42.94 -23.72 20.15
N THR A 10 43.07 -23.24 18.92
CA THR A 10 43.29 -21.83 18.61
C THR A 10 42.10 -21.33 17.81
N ILE A 11 41.50 -20.24 18.25
CA ILE A 11 40.27 -19.71 17.65
C ILE A 11 40.56 -18.36 17.00
N THR A 12 40.17 -18.23 15.74
CA THR A 12 40.16 -16.94 15.06
C THR A 12 38.74 -16.40 15.06
N VAL A 13 38.57 -15.16 15.51
CA VAL A 13 37.23 -14.56 15.57
C VAL A 13 37.11 -13.50 14.47
N PRO A 14 35.88 -13.24 13.99
CA PRO A 14 35.70 -12.13 13.04
C PRO A 14 35.88 -10.79 13.73
N SER A 15 36.45 -9.84 12.99
CA SER A 15 36.86 -8.58 13.59
C SER A 15 35.78 -7.51 13.55
N ASP A 16 34.79 -7.62 12.64
CA ASP A 16 33.82 -6.54 12.44
C ASP A 16 32.44 -7.18 12.21
N ILE A 17 31.82 -7.63 13.29
CA ILE A 17 30.49 -8.23 13.22
C ILE A 17 29.45 -7.12 13.35
N ILE A 18 28.63 -6.94 12.32
CA ILE A 18 27.62 -5.89 12.30
C ILE A 18 26.29 -6.51 11.91
N ALA A 19 25.29 -6.34 12.77
CA ALA A 19 23.96 -6.89 12.56
C ALA A 19 22.93 -5.77 12.54
N TYR A 20 21.91 -5.91 11.71
CA TYR A 20 20.82 -4.95 11.68
C TYR A 20 19.58 -5.60 12.25
N ARG A 21 18.87 -4.86 13.11
CA ARG A 21 17.71 -5.39 13.78
C ARG A 21 16.72 -5.98 12.78
N GLY A 22 16.23 -7.17 13.10
CA GLY A 22 15.23 -7.82 12.26
C GLY A 22 15.77 -8.45 11.00
N GLU A 23 17.09 -8.46 10.80
CA GLU A 23 17.68 -9.03 9.59
C GLU A 23 18.66 -10.14 9.97
N GLU A 24 18.48 -11.30 9.38
CA GLU A 24 19.35 -12.44 9.66
C GLU A 24 20.79 -12.11 9.31
N PHE A 25 21.71 -12.44 10.21
CA PHE A 25 23.12 -12.24 9.95
C PHE A 25 23.86 -13.52 10.29
N GLU A 26 25.12 -13.58 9.88
CA GLU A 26 25.94 -14.76 10.12
C GLU A 26 27.40 -14.35 10.15
N PHE A 27 28.19 -15.11 10.89
CA PHE A 27 29.63 -14.93 10.89
C PHE A 27 30.25 -16.28 11.25
N TYR A 28 31.55 -16.39 11.05
CA TYR A 28 32.25 -17.66 11.22
C TYR A 28 33.38 -17.50 12.21
N PHE A 29 33.48 -18.47 13.12
CA PHE A 29 34.72 -18.72 13.84
C PHE A 29 35.52 -19.78 13.09
N GLU A 30 36.84 -19.64 13.10
CA GLU A 30 37.75 -20.63 12.53
C GLU A 30 38.62 -21.19 13.64
N ILE A 31 38.61 -22.51 13.80
CA ILE A 31 39.27 -23.16 14.93
C ILE A 31 40.20 -24.26 14.43
N THR A 32 41.42 -24.29 14.96
CA THR A 32 42.38 -25.34 14.66
C THR A 32 42.91 -25.90 15.98
N ASP A 33 43.43 -27.12 15.92
CA ASP A 33 44.11 -27.72 17.06
C ASP A 33 45.27 -28.55 16.55
N ASP A 34 46.34 -28.60 17.34
CA ASP A 34 47.52 -29.35 16.92
C ASP A 34 47.19 -30.82 16.65
N SER A 35 46.18 -31.36 17.32
CA SER A 35 45.72 -32.72 17.09
C SER A 35 44.90 -32.85 15.81
N GLY A 36 44.42 -31.75 15.26
CA GLY A 36 43.50 -31.79 14.14
C GLY A 36 42.05 -32.03 14.50
N GLN A 37 41.71 -32.14 15.78
CA GLN A 37 40.34 -32.43 16.19
C GLN A 37 39.89 -31.46 17.27
N VAL A 38 38.76 -30.79 17.03
CA VAL A 38 38.11 -29.93 18.01
C VAL A 38 36.80 -30.59 18.41
N LYS A 39 36.57 -30.70 19.73
CA LYS A 39 35.42 -31.42 20.23
C LYS A 39 34.15 -30.56 20.28
N ASN A 40 34.23 -29.35 20.82
CA ASN A 40 33.06 -28.49 20.93
C ASN A 40 33.53 -27.09 21.33
N ILE A 41 32.56 -26.16 21.42
CA ILE A 41 32.84 -24.79 21.80
C ILE A 41 31.87 -24.37 22.89
N GLU A 42 32.14 -23.20 23.48
CA GLU A 42 31.19 -22.55 24.37
C GLU A 42 31.18 -21.06 24.06
N LEU A 43 29.99 -20.52 23.79
CA LEU A 43 29.76 -19.09 23.74
C LEU A 43 29.20 -18.65 25.08
N SER A 44 29.83 -17.65 25.69
CA SER A 44 29.48 -17.24 27.05
C SER A 44 29.61 -15.72 27.18
N THR A 45 29.23 -15.21 28.34
CA THR A 45 29.53 -13.84 28.74
C THR A 45 30.63 -13.93 29.81
N PHE A 46 31.86 -14.11 29.34
CA PHE A 46 33.02 -14.28 30.23
C PHE A 46 32.77 -15.38 31.25
N GLY A 47 32.32 -16.52 30.75
CA GLY A 47 32.06 -17.66 31.61
C GLY A 47 30.66 -17.71 32.18
N LYS A 48 29.90 -16.63 32.06
CA LYS A 48 28.51 -16.58 32.50
C LYS A 48 27.59 -16.97 31.34
N PRO A 49 26.30 -17.13 31.61
CA PRO A 49 25.37 -17.41 30.49
C PRO A 49 25.50 -16.40 29.37
N LEU A 50 25.34 -16.89 28.14
CA LEU A 50 25.40 -16.04 26.96
C LEU A 50 24.33 -14.95 27.02
N GLY A 51 23.12 -15.33 27.40
CA GLY A 51 22.04 -14.37 27.53
C GLY A 51 21.61 -13.73 26.23
N LEU A 52 21.78 -14.44 25.10
CA LEU A 52 21.38 -13.97 23.77
C LEU A 52 20.67 -15.12 23.08
N ASN A 53 19.39 -15.30 23.37
CA ASN A 53 18.67 -16.48 22.91
C ASN A 53 18.49 -16.51 21.39
N TRP A 54 18.71 -15.39 20.71
CA TRP A 54 18.57 -15.32 19.26
C TRP A 54 19.85 -15.67 18.52
N LEU A 55 20.91 -16.05 19.23
CA LEU A 55 22.18 -16.43 18.61
C LEU A 55 22.24 -17.94 18.54
N GLU A 56 22.52 -18.47 17.35
CA GLU A 56 22.55 -19.91 17.13
C GLU A 56 23.81 -20.27 16.36
N TYR A 57 24.20 -21.54 16.47
CA TYR A 57 25.28 -22.05 15.65
C TYR A 57 25.12 -23.55 15.47
N SER A 58 25.72 -24.05 14.40
CA SER A 58 25.66 -25.45 14.04
C SER A 58 26.78 -26.23 14.71
N GLU A 59 26.45 -27.41 15.20
CA GLU A 59 27.44 -28.35 15.71
C GLU A 59 27.84 -29.38 14.67
N ASP A 60 27.55 -29.11 13.40
CA ASP A 60 27.97 -29.99 12.33
C ASP A 60 29.48 -30.14 12.34
N ASN A 61 29.93 -31.39 12.21
N ASN A 61 29.94 -31.38 12.20
CA ASN A 61 31.34 -31.76 12.13
CA ASN A 61 31.34 -31.78 12.12
C ASN A 61 32.09 -31.57 13.44
C ASN A 61 32.09 -31.61 13.45
N PHE A 62 31.39 -31.34 14.55
CA PHE A 62 32.05 -31.25 15.85
C PHE A 62 32.56 -32.62 16.28
N ASN A 63 33.74 -32.64 16.89
CA ASN A 63 34.31 -33.84 17.52
C ASN A 63 34.49 -34.97 16.50
N VAL A 64 35.00 -34.62 15.33
CA VAL A 64 35.31 -35.57 14.27
C VAL A 64 36.81 -35.48 14.00
N PRO A 65 37.52 -36.60 13.90
CA PRO A 65 38.95 -36.53 13.60
C PRO A 65 39.19 -35.73 12.33
N GLY A 66 40.27 -34.93 12.35
CA GLY A 66 40.65 -34.15 11.20
C GLY A 66 39.77 -32.96 10.90
N ASN A 67 38.84 -32.62 11.79
CA ASN A 67 37.91 -31.54 11.51
C ASN A 67 38.49 -30.15 11.78
N ALA A 68 39.74 -30.05 12.21
CA ALA A 68 40.26 -28.76 12.66
C ALA A 68 41.78 -28.68 12.50
N THR A 69 42.25 -28.73 11.25
CA THR A 69 43.66 -28.57 10.96
C THR A 69 43.93 -27.17 10.43
N SER A 70 45.22 -26.81 10.34
CA SER A 70 45.55 -25.49 9.79
C SER A 70 45.19 -25.41 8.31
N ASP A 71 45.33 -26.53 7.58
CA ASP A 71 44.92 -26.55 6.18
C ASP A 71 43.40 -26.53 6.04
N ASN A 72 42.68 -27.16 6.96
CA ASN A 72 41.22 -27.25 6.88
C ASN A 72 40.65 -26.99 8.28
N PRO A 73 40.50 -25.71 8.66
CA PRO A 73 40.03 -25.42 10.01
C PRO A 73 38.57 -25.78 10.18
N LEU A 74 38.17 -25.93 11.43
CA LEU A 74 36.75 -26.04 11.76
C LEU A 74 36.10 -24.67 11.59
N ARG A 75 35.13 -24.58 10.71
CA ARG A 75 34.45 -23.32 10.43
C ARG A 75 33.07 -23.37 11.07
N VAL A 76 32.86 -22.59 12.11
CA VAL A 76 31.63 -22.63 12.90
C VAL A 76 30.76 -21.46 12.48
N ARG A 77 29.62 -21.77 11.87
CA ARG A 77 28.70 -20.74 11.38
C ARG A 77 27.77 -20.32 12.53
N VAL A 78 27.90 -19.07 12.96
CA VAL A 78 27.01 -18.49 13.95
C VAL A 78 26.05 -17.55 13.23
N HIS A 79 24.77 -17.61 13.58
CA HIS A 79 23.76 -16.86 12.85
C HIS A 79 22.62 -16.49 13.79
N GLY A 80 21.76 -15.61 13.31
CA GLY A 80 20.58 -15.24 14.07
C GLY A 80 20.03 -13.91 13.58
N THR A 81 19.06 -13.41 14.33
CA THR A 81 18.41 -12.14 14.03
C THR A 81 18.32 -11.35 15.31
N VAL A 82 18.97 -10.19 15.34
CA VAL A 82 18.79 -9.29 16.48
C VAL A 82 17.32 -8.86 16.53
N PRO A 83 16.65 -8.97 17.67
CA PRO A 83 15.21 -8.66 17.72
C PRO A 83 14.90 -7.30 17.14
N LEU A 84 13.73 -7.23 16.48
CA LEU A 84 13.32 -6.02 15.78
C LEU A 84 13.40 -4.79 16.67
N ASN A 85 13.05 -4.93 17.95
CA ASN A 85 12.97 -3.78 18.84
C ASN A 85 14.00 -3.85 19.95
N GLU A 86 15.15 -4.48 19.67
CA GLU A 86 16.25 -4.46 20.62
C GLU A 86 16.67 -3.01 20.88
N PRO A 87 16.76 -2.59 22.14
CA PRO A 87 16.96 -1.16 22.43
C PRO A 87 18.32 -0.65 21.97
N ILE A 88 18.31 0.49 21.30
CA ILE A 88 19.51 1.20 20.91
C ILE A 88 19.56 2.49 21.74
N PRO A 89 20.52 2.65 22.64
CA PRO A 89 20.54 3.85 23.50
C PRO A 89 20.94 5.10 22.74
N ALA A 90 20.98 6.23 23.45
CA ALA A 90 21.27 7.51 22.81
C ALA A 90 22.62 7.48 22.09
N ASP A 91 23.59 6.74 22.64
CA ASP A 91 24.89 6.53 22.00
C ASP A 91 24.77 5.23 21.19
N LYS A 92 24.68 5.36 19.87
CA LYS A 92 24.53 4.19 19.00
C LYS A 92 25.63 3.15 19.24
N ASN A 93 26.82 3.60 19.61
CA ASN A 93 27.94 2.67 19.78
C ASN A 93 27.78 1.77 20.98
N ARG A 94 26.92 2.12 21.94
CA ARG A 94 26.65 1.21 23.04
C ARG A 94 25.81 0.02 22.62
N ALA A 95 25.29 0.02 21.39
CA ALA A 95 24.47 -1.08 20.87
C ALA A 95 25.40 -2.19 20.40
N GLN A 96 25.92 -2.92 21.38
CA GLN A 96 26.79 -4.05 21.07
C GLN A 96 26.80 -5.00 22.24
N PHE A 97 27.13 -6.26 21.94
CA PHE A 97 27.30 -7.28 22.95
C PHE A 97 28.72 -7.84 22.81
N THR A 98 29.52 -7.70 23.86
CA THR A 98 30.81 -8.36 23.92
C THR A 98 30.62 -9.71 24.60
N ARG A 99 31.04 -10.77 23.93
CA ARG A 99 30.87 -12.13 24.41
C ARG A 99 32.20 -12.85 24.24
N THR A 100 32.28 -14.08 24.76
CA THR A 100 33.52 -14.83 24.73
C THR A 100 33.28 -16.22 24.14
N ILE A 101 34.34 -16.78 23.55
CA ILE A 101 34.30 -18.12 22.99
C ILE A 101 35.55 -18.87 23.44
N ARG A 102 35.39 -20.17 23.72
CA ARG A 102 36.51 -21.07 23.90
C ARG A 102 36.14 -22.40 23.25
N ALA A 103 37.14 -23.27 23.09
CA ALA A 103 36.94 -24.54 22.43
C ALA A 103 37.77 -25.60 23.14
N TRP A 104 37.24 -26.82 23.15
CA TRP A 104 37.92 -28.00 23.67
C TRP A 104 38.49 -28.80 22.51
N ASP A 105 39.65 -29.41 22.71
CA ASP A 105 40.08 -30.46 21.80
C ASP A 105 39.58 -31.80 22.35
N ALA A 106 39.99 -32.91 21.71
CA ALA A 106 39.55 -34.23 22.15
C ALA A 106 40.38 -34.78 23.31
N ALA A 107 41.36 -34.02 23.82
CA ALA A 107 42.22 -34.47 24.90
C ALA A 107 41.97 -33.72 26.20
N GLY A 108 40.89 -32.95 26.30
CA GLY A 108 40.56 -32.24 27.51
C GLY A 108 41.10 -30.84 27.61
N ASN A 109 41.89 -30.38 26.65
CA ASN A 109 42.44 -29.03 26.70
C ASN A 109 41.39 -28.05 26.19
N VAL A 110 41.08 -27.04 27.00
CA VAL A 110 40.14 -25.98 26.63
C VAL A 110 40.92 -24.69 26.50
N SER A 111 40.63 -23.93 25.43
CA SER A 111 41.29 -22.65 25.26
C SER A 111 40.77 -21.66 26.29
N SER A 112 41.54 -20.60 26.50
CA SER A 112 41.09 -19.50 27.35
C SER A 112 40.14 -18.61 26.56
N ASN A 113 39.07 -18.16 27.20
CA ASN A 113 38.07 -17.33 26.54
C ASN A 113 38.72 -16.15 25.84
N ILE A 114 38.32 -15.92 24.59
CA ILE A 114 38.68 -14.71 23.86
C ILE A 114 37.39 -14.01 23.45
N THR A 115 37.50 -12.72 23.23
CA THR A 115 36.30 -11.93 23.02
C THR A 115 35.95 -11.81 21.55
N PHE A 116 34.66 -11.62 21.30
CA PHE A 116 34.15 -11.14 20.02
C PHE A 116 33.01 -10.17 20.34
N VAL A 117 32.70 -9.30 19.39
CA VAL A 117 31.72 -8.25 19.64
C VAL A 117 30.69 -8.29 18.53
N ILE A 118 29.41 -8.38 18.92
CA ILE A 118 28.30 -8.26 17.99
C ILE A 118 27.75 -6.85 18.12
N LYS A 119 28.00 -6.01 17.12
CA LYS A 119 27.38 -4.70 17.04
C LYS A 119 26.04 -4.82 16.32
N TYR A 120 25.03 -4.14 16.84
CA TYR A 120 23.74 -4.10 16.18
C TYR A 120 23.31 -2.66 15.96
N ARG A 121 22.57 -2.43 14.88
CA ARG A 121 22.21 -1.08 14.48
C ARG A 121 20.79 -1.09 13.91
N ALA A 122 20.18 0.09 13.90
CA ALA A 122 18.86 0.26 13.31
C ALA A 122 18.92 0.05 11.80
N GLN A 123 17.80 -0.40 11.24
CA GLN A 123 17.77 -0.73 9.82
C GLN A 123 18.04 0.49 8.95
N THR A 124 17.72 1.69 9.43
CA THR A 124 17.96 2.86 8.59
C THR A 124 19.45 3.16 8.45
N ASP A 125 20.29 2.59 9.32
CA ASP A 125 21.72 2.71 9.11
C ASP A 125 22.16 1.94 7.88
N LYS A 126 21.45 0.85 7.55
CA LYS A 126 21.81 0.05 6.39
C LYS A 126 21.24 0.61 5.09
N TYR A 127 20.05 1.20 5.14
CA TYR A 127 19.34 1.58 3.94
C TYR A 127 19.43 3.09 3.71
N ASN A 128 19.75 3.47 2.47
CA ASN A 128 19.80 4.88 2.05
C ASN A 128 18.88 5.03 0.86
N PRO A 129 17.71 5.63 1.02
CA PRO A 129 16.73 5.66 -0.07
C PRO A 129 17.15 6.62 -1.17
N ALA A 130 17.08 6.15 -2.41
CA ALA A 130 17.19 7.02 -3.57
C ALA A 130 15.91 7.82 -3.75
N ASP A 131 16.06 9.03 -4.27
CA ASP A 131 14.89 9.88 -4.51
C ASP A 131 14.01 9.27 -5.60
N PRO A 132 12.69 9.38 -5.48
CA PRO A 132 11.82 8.86 -6.53
C PRO A 132 11.85 9.76 -7.75
N THR A 133 11.40 9.22 -8.88
CA THR A 133 11.01 10.09 -9.98
C THR A 133 9.96 11.05 -9.46
N ILE A 134 10.01 12.29 -9.94
CA ILE A 134 9.10 13.32 -9.45
C ILE A 134 7.67 12.95 -9.79
N THR A 135 6.77 13.15 -8.83
CA THR A 135 5.34 13.04 -9.07
C THR A 135 4.77 14.44 -9.22
N TYR A 136 4.01 14.66 -10.29
CA TYR A 136 3.45 15.97 -10.59
C TYR A 136 2.03 16.05 -10.05
N VAL A 137 1.78 17.04 -9.20
CA VAL A 137 0.55 17.14 -8.44
C VAL A 137 -0.12 18.47 -8.76
N ASP A 138 -1.43 18.52 -8.48
CA ASP A 138 -2.19 19.74 -8.73
C ASP A 138 -1.97 20.78 -7.64
N ARG A 139 -1.84 20.35 -6.39
CA ARG A 139 -1.63 21.28 -5.28
C ARG A 139 -0.56 20.74 -4.35
N LEU A 140 0.54 21.50 -4.23
CA LEU A 140 1.68 21.04 -3.46
C LEU A 140 1.36 20.90 -1.97
N SER A 141 0.39 21.64 -1.47
CA SER A 141 0.04 21.57 -0.06
C SER A 141 -1.05 20.56 0.26
N SER A 142 -1.61 19.89 -0.76
CA SER A 142 -2.77 19.02 -0.55
C SER A 142 -2.79 17.98 -1.68
N LEU A 143 -2.01 16.92 -1.50
CA LEU A 143 -1.99 15.83 -2.47
C LEU A 143 -3.30 15.06 -2.45
N SER A 144 -3.71 14.61 -3.62
CA SER A 144 -4.88 13.76 -3.76
C SER A 144 -4.53 12.34 -3.35
N PRO A 145 -5.53 11.47 -3.14
CA PRO A 145 -5.22 10.06 -2.87
C PRO A 145 -4.44 9.40 -3.99
N SER A 146 -4.79 9.68 -5.25
CA SER A 146 -4.05 9.09 -6.36
CA SER A 146 -4.06 9.10 -6.37
C SER A 146 -2.61 9.59 -6.39
N GLU A 147 -2.39 10.86 -6.02
CA GLU A 147 -1.03 11.39 -6.02
C GLU A 147 -0.20 10.77 -4.91
N LYS A 148 -0.80 10.52 -3.75
CA LYS A 148 -0.06 9.85 -2.69
C LYS A 148 0.26 8.41 -3.06
N ASN A 149 -0.70 7.70 -3.68
CA ASN A 149 -0.41 6.38 -4.24
C ASN A 149 0.78 6.44 -5.20
N ALA A 150 0.76 7.42 -6.11
CA ALA A 150 1.82 7.56 -7.10
C ALA A 150 3.16 7.82 -6.44
N VAL A 151 3.19 8.74 -5.46
CA VAL A 151 4.42 9.00 -4.72
C VAL A 151 4.96 7.73 -4.08
N GLU A 152 4.10 7.01 -3.36
CA GLU A 152 4.54 5.79 -2.70
C GLU A 152 5.10 4.79 -3.71
N ALA A 153 4.39 4.59 -4.84
CA ALA A 153 4.88 3.67 -5.85
C ALA A 153 6.20 4.13 -6.44
N ALA A 154 6.36 5.44 -6.63
CA ALA A 154 7.61 5.97 -7.16
C ALA A 154 8.77 5.72 -6.20
N VAL A 155 8.55 6.01 -4.92
CA VAL A 155 9.57 5.73 -3.91
C VAL A 155 9.89 4.24 -3.87
N ARG A 156 8.85 3.40 -3.91
CA ARG A 156 9.05 1.95 -3.91
C ARG A 156 9.85 1.50 -5.13
N ALA A 157 9.53 2.06 -6.30
CA ALA A 157 10.22 1.65 -7.53
C ALA A 157 11.67 2.10 -7.55
N ALA A 158 11.97 3.26 -6.98
CA ALA A 158 13.34 3.76 -6.95
C ALA A 158 14.20 3.06 -5.91
N ASN A 159 13.63 2.17 -5.09
CA ASN A 159 14.35 1.57 -3.98
C ASN A 159 13.98 0.09 -3.82
N PRO A 160 14.34 -0.74 -4.80
CA PRO A 160 14.11 -2.18 -4.63
C PRO A 160 14.98 -2.82 -3.57
N GLN A 161 16.10 -2.19 -3.19
CA GLN A 161 16.94 -2.72 -2.12
C GLN A 161 16.29 -2.57 -0.75
N ILE A 162 15.33 -1.66 -0.62
CA ILE A 162 14.64 -1.47 0.65
C ILE A 162 13.72 -2.66 0.91
N PRO A 163 13.57 -3.11 2.16
CA PRO A 163 12.74 -4.29 2.41
C PRO A 163 11.29 -4.05 2.05
N ALA A 164 10.64 -5.11 1.57
CA ALA A 164 9.22 -5.02 1.24
C ALA A 164 8.39 -4.71 2.47
N ALA A 165 8.84 -5.15 3.65
CA ALA A 165 8.10 -4.94 4.88
C ALA A 165 8.24 -3.53 5.42
N ALA A 166 9.12 -2.70 4.86
CA ALA A 166 9.11 -1.30 5.21
C ALA A 166 7.84 -0.65 4.68
N ARG A 167 7.29 0.28 5.45
CA ARG A 167 6.07 0.97 5.07
C ARG A 167 6.40 2.38 4.64
N ILE A 168 5.91 2.77 3.46
CA ILE A 168 6.09 4.11 2.92
C ILE A 168 4.80 4.88 3.11
N THR A 169 4.86 5.98 3.86
CA THR A 169 3.72 6.88 4.01
C THR A 169 4.04 8.22 3.38
N VAL A 170 2.98 8.95 3.02
CA VAL A 170 3.09 10.21 2.31
C VAL A 170 2.18 11.23 2.98
N SER A 171 2.73 12.39 3.33
CA SER A 171 1.96 13.42 4.01
C SER A 171 1.18 14.24 3.00
N ALA A 172 0.41 15.20 3.51
CA ALA A 172 -0.42 16.05 2.65
C ALA A 172 0.41 16.86 1.67
N ASN A 173 1.64 17.22 2.04
CA ASN A 173 2.49 18.00 1.15
C ASN A 173 3.53 17.14 0.44
N GLY A 174 3.36 15.82 0.44
CA GLY A 174 4.26 14.96 -0.29
C GLY A 174 5.53 14.56 0.44
N THR A 175 5.64 14.90 1.73
CA THR A 175 6.78 14.44 2.51
C THR A 175 6.69 12.93 2.70
N VAL A 176 7.76 12.23 2.37
CA VAL A 176 7.79 10.77 2.40
C VAL A 176 8.45 10.31 3.70
N THR A 177 7.82 9.34 4.36
CA THR A 177 8.42 8.64 5.48
C THR A 177 8.56 7.17 5.10
N ILE A 178 9.77 6.64 5.20
CA ILE A 178 10.01 5.21 5.08
C ILE A 178 10.26 4.70 6.49
N THR A 179 9.36 3.86 6.97
CA THR A 179 9.47 3.27 8.30
C THR A 179 9.86 1.81 8.12
N TYR A 180 11.09 1.49 8.49
CA TYR A 180 11.60 0.15 8.33
C TYR A 180 10.93 -0.79 9.33
N PRO A 181 11.01 -2.10 9.10
CA PRO A 181 10.35 -3.04 10.02
C PRO A 181 10.69 -2.84 11.48
N ASP A 182 11.89 -2.33 11.80
CA ASP A 182 12.27 -2.09 13.18
C ASP A 182 11.83 -0.72 13.68
N SER A 183 11.03 0.00 12.89
CA SER A 183 10.44 1.29 13.20
C SER A 183 11.45 2.44 13.18
N SER A 184 12.71 2.18 12.82
CA SER A 184 13.59 3.28 12.43
C SER A 184 13.12 3.83 11.09
N THR A 185 13.51 5.06 10.79
CA THR A 185 12.91 5.74 9.65
C THR A 185 13.94 6.40 8.77
N ASP A 186 13.51 6.71 7.55
CA ASP A 186 14.16 7.66 6.67
C ASP A 186 13.08 8.60 6.14
N THR A 187 13.50 9.80 5.77
CA THR A 187 12.60 10.83 5.27
C THR A 187 13.10 11.32 3.93
N ILE A 188 12.18 11.64 3.03
CA ILE A 188 12.48 12.35 1.80
C ILE A 188 11.64 13.62 1.82
N THR A 189 12.30 14.78 1.80
CA THR A 189 11.59 16.04 1.91
C THR A 189 10.76 16.27 0.66
N ALA A 190 9.64 16.99 0.85
CA ALA A 190 8.65 17.14 -0.22
C ALA A 190 9.26 17.66 -1.51
N ASN A 191 10.20 18.62 -1.40
CA ASN A 191 10.79 19.24 -2.57
C ASN A 191 11.59 18.26 -3.43
N ARG A 192 11.88 17.07 -2.93
CA ARG A 192 12.55 16.04 -3.72
C ARG A 192 11.60 14.96 -4.21
N VAL A 193 10.29 15.15 -3.98
CA VAL A 193 9.29 14.12 -4.25
C VAL A 193 8.22 14.62 -5.22
N VAL A 194 7.70 15.81 -4.98
CA VAL A 194 6.58 16.33 -5.75
C VAL A 194 6.95 17.68 -6.36
N LYS A 195 6.32 17.97 -7.50
CA LYS A 195 6.40 19.27 -8.13
C LYS A 195 5.01 19.64 -8.63
N ASP A 196 4.72 20.94 -8.64
CA ASP A 196 3.46 21.42 -9.18
C ASP A 196 3.35 21.10 -10.67
N LEU A 197 2.22 20.54 -11.06
CA LEU A 197 2.03 20.09 -12.43
C LEU A 197 1.94 21.27 -13.40
N ALA A 198 1.17 22.30 -13.03
CA ALA A 198 0.91 23.40 -13.96
C ALA A 198 2.17 24.21 -14.24
N SER A 199 2.95 24.54 -13.21
CA SER A 199 4.16 25.32 -13.41
C SER A 199 5.23 24.55 -14.17
N SER A 200 5.16 23.23 -14.18
CA SER A 200 6.16 22.41 -14.84
C SER A 200 5.81 22.06 -16.28
N ARG A 201 4.60 22.36 -16.72
CA ARG A 201 4.18 22.10 -18.10
C ARG A 201 4.76 23.12 -19.06
N THR B 4 -53.61 14.13 -40.75
CA THR B 4 -52.34 14.79 -40.46
C THR B 4 -51.93 14.59 -39.01
N ASP B 5 -50.65 14.74 -38.73
CA ASP B 5 -50.07 14.53 -37.41
C ASP B 5 -50.18 15.81 -36.60
N THR B 6 -50.98 15.78 -35.53
CA THR B 6 -51.09 16.91 -34.61
C THR B 6 -50.76 16.51 -33.17
N THR B 7 -50.07 15.39 -32.99
CA THR B 7 -49.81 14.83 -31.68
C THR B 7 -48.31 14.78 -31.43
N PRO B 8 -47.81 15.35 -30.33
CA PRO B 8 -46.36 15.38 -30.09
C PRO B 8 -45.85 14.02 -29.62
N PRO B 9 -44.53 13.83 -29.64
CA PRO B 9 -43.96 12.59 -29.10
C PRO B 9 -44.16 12.49 -27.61
N THR B 10 -44.04 11.26 -27.11
CA THR B 10 -44.06 10.98 -25.68
C THR B 10 -42.69 10.47 -25.26
N ILE B 11 -42.28 10.84 -24.04
CA ILE B 11 -40.92 10.59 -23.55
C ILE B 11 -40.99 9.80 -22.26
N THR B 12 -40.25 8.72 -22.18
CA THR B 12 -40.04 7.99 -20.95
C THR B 12 -38.65 8.32 -20.43
N VAL B 13 -38.57 8.71 -19.15
CA VAL B 13 -37.28 9.01 -18.54
C VAL B 13 -36.98 7.94 -17.50
N PRO B 14 -35.72 7.68 -17.20
CA PRO B 14 -35.41 6.76 -16.10
C PRO B 14 -35.80 7.38 -14.77
N SER B 15 -36.23 6.53 -13.85
CA SER B 15 -36.72 7.02 -12.56
C SER B 15 -35.62 7.19 -11.52
N ASP B 16 -34.47 6.53 -11.69
CA ASP B 16 -33.40 6.56 -10.69
C ASP B 16 -32.06 6.78 -11.38
N ILE B 17 -31.84 8.01 -11.84
CA ILE B 17 -30.54 8.41 -12.35
C ILE B 17 -29.70 8.82 -11.16
N ILE B 18 -28.74 7.99 -10.80
CA ILE B 18 -27.86 8.25 -9.66
C ILE B 18 -26.43 8.26 -10.16
N ALA B 19 -25.76 9.39 -10.01
CA ALA B 19 -24.40 9.57 -10.46
C ALA B 19 -23.50 9.73 -9.24
N TYR B 20 -22.28 9.22 -9.33
CA TYR B 20 -21.29 9.38 -8.28
C TYR B 20 -20.19 10.31 -8.77
N ARG B 21 -19.77 11.23 -7.90
CA ARG B 21 -18.81 12.26 -8.29
C ARG B 21 -17.57 11.64 -8.92
N GLY B 22 -17.15 12.23 -10.04
CA GLY B 22 -15.93 11.78 -10.70
C GLY B 22 -16.03 10.47 -11.43
N GLU B 23 -17.22 9.87 -11.51
CA GLU B 23 -17.38 8.58 -12.17
C GLU B 23 -18.40 8.71 -13.29
N GLU B 24 -18.03 8.23 -14.47
CA GLU B 24 -18.90 8.38 -15.63
C GLU B 24 -20.20 7.62 -15.43
N PHE B 25 -21.31 8.27 -15.74
CA PHE B 25 -22.63 7.64 -15.71
C PHE B 25 -23.21 7.62 -17.11
N GLU B 26 -24.25 6.81 -17.29
CA GLU B 26 -24.99 6.82 -18.55
C GLU B 26 -26.43 6.44 -18.28
N PHE B 27 -27.33 6.98 -19.09
CA PHE B 27 -28.72 6.58 -19.06
C PHE B 27 -29.35 6.88 -20.41
N TYR B 28 -30.57 6.41 -20.60
CA TYR B 28 -31.28 6.54 -21.86
C TYR B 28 -32.63 7.22 -21.66
N PHE B 29 -32.96 8.12 -22.57
CA PHE B 29 -34.34 8.51 -22.81
C PHE B 29 -34.92 7.60 -23.88
N GLU B 30 -36.21 7.33 -23.79
CA GLU B 30 -36.94 6.60 -24.81
C GLU B 30 -38.07 7.48 -25.33
N ILE B 31 -38.07 7.74 -26.64
CA ILE B 31 -39.03 8.65 -27.24
C ILE B 31 -39.81 7.91 -28.32
N THR B 32 -41.11 8.15 -28.35
CA THR B 32 -42.04 7.51 -29.26
C THR B 32 -42.93 8.58 -29.86
N ASP B 33 -43.26 8.44 -31.15
CA ASP B 33 -44.26 9.30 -31.76
C ASP B 33 -45.21 8.44 -32.58
N ASP B 34 -46.46 8.91 -32.68
CA ASP B 34 -47.46 8.14 -33.42
C ASP B 34 -47.12 8.03 -34.90
N SER B 35 -46.33 8.96 -35.43
CA SER B 35 -45.86 8.88 -36.81
C SER B 35 -44.74 7.86 -36.98
N GLY B 36 -44.14 7.40 -35.90
CA GLY B 36 -42.96 6.56 -35.98
C GLY B 36 -41.65 7.30 -36.14
N GLN B 37 -41.67 8.64 -36.20
CA GLN B 37 -40.45 9.41 -36.44
C GLN B 37 -40.36 10.55 -35.44
N VAL B 38 -39.24 10.63 -34.74
CA VAL B 38 -38.89 11.75 -33.87
C VAL B 38 -37.77 12.53 -34.54
N LYS B 39 -37.92 13.85 -34.61
CA LYS B 39 -36.97 14.67 -35.33
C LYS B 39 -35.77 15.06 -34.48
N ASN B 40 -36.01 15.52 -33.26
CA ASN B 40 -34.93 16.03 -32.43
C ASN B 40 -35.48 16.17 -31.01
N ILE B 41 -34.58 16.38 -30.06
CA ILE B 41 -34.93 16.62 -28.66
C ILE B 41 -34.19 17.86 -28.19
N GLU B 42 -34.58 18.33 -27.00
CA GLU B 42 -33.88 19.42 -26.33
C GLU B 42 -33.87 19.16 -24.83
N LEU B 43 -32.69 19.21 -24.22
CA LEU B 43 -32.54 19.20 -22.77
C LEU B 43 -32.39 20.63 -22.28
N SER B 44 -33.07 20.96 -21.18
CA SER B 44 -33.09 22.33 -20.70
C SER B 44 -33.34 22.34 -19.20
N THR B 45 -33.29 23.53 -18.61
CA THR B 45 -33.75 23.75 -17.24
C THR B 45 -35.11 24.44 -17.36
N PHE B 46 -36.15 23.63 -17.55
CA PHE B 46 -37.51 24.12 -17.76
C PHE B 46 -37.56 25.19 -18.85
N GLY B 47 -36.89 24.89 -19.96
CA GLY B 47 -36.83 25.78 -21.10
C GLY B 47 -35.63 26.69 -21.14
N LYS B 48 -34.96 26.90 -20.01
CA LYS B 48 -33.76 27.71 -19.94
C LYS B 48 -32.54 26.84 -20.20
N PRO B 49 -31.35 27.44 -20.38
CA PRO B 49 -30.17 26.64 -20.70
C PRO B 49 -29.94 25.53 -19.69
N LEU B 50 -29.43 24.40 -20.21
CA LEU B 50 -29.24 23.21 -19.39
C LEU B 50 -28.26 23.47 -18.25
N GLY B 51 -27.15 24.16 -18.53
CA GLY B 51 -26.21 24.48 -17.48
C GLY B 51 -25.48 23.29 -16.88
N LEU B 52 -25.28 22.23 -17.68
CA LEU B 52 -24.56 21.03 -17.24
C LEU B 52 -23.59 20.67 -18.35
N ASN B 53 -22.46 21.38 -18.41
CA ASN B 53 -21.55 21.20 -19.55
C ASN B 53 -20.89 19.83 -19.54
N TRP B 54 -20.90 19.14 -18.41
CA TRP B 54 -20.34 17.80 -18.32
C TRP B 54 -21.32 16.71 -18.78
N LEU B 55 -22.52 17.07 -19.20
CA LEU B 55 -23.48 16.12 -19.73
C LEU B 55 -23.49 16.16 -21.25
N GLU B 56 -23.60 15.00 -21.88
CA GLU B 56 -23.60 14.88 -23.33
C GLU B 56 -24.60 13.80 -23.74
N TYR B 57 -25.21 13.96 -24.91
CA TYR B 57 -26.10 12.92 -25.40
C TYR B 57 -25.90 12.73 -26.90
N SER B 58 -26.17 11.50 -27.34
CA SER B 58 -25.96 11.11 -28.72
C SER B 58 -27.15 11.50 -29.58
N GLU B 59 -26.88 11.98 -30.78
CA GLU B 59 -27.92 12.29 -31.75
C GLU B 59 -27.97 11.25 -32.88
N ASP B 60 -27.45 10.06 -32.63
CA ASP B 60 -27.56 8.98 -33.59
C ASP B 60 -29.02 8.70 -33.93
N ASN B 61 -29.28 8.53 -35.22
CA ASN B 61 -30.57 8.11 -35.76
C ASN B 61 -31.68 9.15 -35.56
N PHE B 62 -31.34 10.38 -35.24
CA PHE B 62 -32.35 11.43 -35.17
C PHE B 62 -32.96 11.69 -36.54
N ASN B 63 -34.27 11.99 -36.55
CA ASN B 63 -34.98 12.47 -37.74
C ASN B 63 -34.88 11.49 -38.91
N VAL B 64 -35.17 10.22 -38.61
CA VAL B 64 -35.19 9.16 -39.61
C VAL B 64 -36.57 8.51 -39.54
N PRO B 65 -37.23 8.21 -40.66
CA PRO B 65 -38.51 7.50 -40.58
C PRO B 65 -38.36 6.18 -39.86
N GLY B 66 -39.30 5.90 -38.97
CA GLY B 66 -39.29 4.64 -38.23
C GLY B 66 -38.34 4.58 -37.06
N ASN B 67 -37.73 5.70 -36.67
CA ASN B 67 -36.75 5.66 -35.58
C ASN B 67 -37.39 5.70 -34.20
N ALA B 68 -38.72 5.81 -34.12
CA ALA B 68 -39.37 6.03 -32.83
C ALA B 68 -40.77 5.43 -32.83
N THR B 69 -40.86 4.13 -33.08
CA THR B 69 -42.14 3.45 -33.04
C THR B 69 -42.43 2.91 -31.64
N SER B 70 -43.68 2.54 -31.41
CA SER B 70 -44.04 1.89 -30.14
C SER B 70 -43.16 0.66 -29.91
N ASP B 71 -42.95 -0.14 -30.95
CA ASP B 71 -42.13 -1.34 -30.81
C ASP B 71 -40.66 -0.99 -30.58
N ASN B 72 -40.14 -0.01 -31.30
CA ASN B 72 -38.71 0.32 -31.26
C ASN B 72 -38.56 1.83 -31.08
N PRO B 73 -38.56 2.30 -29.85
CA PRO B 73 -38.49 3.74 -29.61
C PRO B 73 -37.10 4.29 -29.90
N LEU B 74 -37.02 5.60 -30.03
CA LEU B 74 -35.74 6.28 -30.14
C LEU B 74 -35.06 6.25 -28.77
N ARG B 75 -33.92 5.58 -28.68
CA ARG B 75 -33.20 5.43 -27.41
C ARG B 75 -32.00 6.35 -27.43
N VAL B 76 -32.08 7.44 -26.68
CA VAL B 76 -31.07 8.49 -26.69
C VAL B 76 -30.12 8.23 -25.53
N ARG B 77 -28.86 7.92 -25.85
CA ARG B 77 -27.87 7.67 -24.81
C ARG B 77 -27.33 8.98 -24.27
N VAL B 78 -27.45 9.17 -22.96
CA VAL B 78 -26.94 10.34 -22.26
C VAL B 78 -25.81 9.86 -21.35
N HIS B 79 -24.72 10.63 -21.30
CA HIS B 79 -23.63 10.25 -20.42
C HIS B 79 -22.92 11.50 -19.92
N GLY B 80 -22.08 11.32 -18.91
CA GLY B 80 -21.35 12.44 -18.36
C GLY B 80 -20.69 12.04 -17.05
N THR B 81 -20.01 13.01 -16.47
CA THR B 81 -19.29 12.83 -15.21
C THR B 81 -19.59 14.02 -14.33
N VAL B 82 -20.25 13.78 -13.21
CA VAL B 82 -20.45 14.86 -12.23
C VAL B 82 -19.09 15.25 -11.68
N PRO B 83 -18.78 16.54 -11.54
CA PRO B 83 -17.43 16.93 -11.13
C PRO B 83 -17.02 16.30 -9.81
N LEU B 84 -15.73 15.94 -9.73
CA LEU B 84 -15.19 15.32 -8.53
C LEU B 84 -15.46 16.16 -7.30
N ASN B 85 -15.41 17.49 -7.44
CA ASN B 85 -15.57 18.41 -6.32
C ASN B 85 -16.95 19.06 -6.28
N GLU B 86 -17.94 18.46 -6.91
CA GLU B 86 -19.30 19.00 -6.84
C GLU B 86 -19.75 19.00 -5.38
N PRO B 87 -20.12 20.15 -4.82
CA PRO B 87 -20.56 20.18 -3.42
C PRO B 87 -21.82 19.35 -3.23
N ILE B 88 -21.87 18.64 -2.11
CA ILE B 88 -23.03 17.85 -1.75
C ILE B 88 -23.77 18.58 -0.63
N PRO B 89 -24.98 19.05 -0.86
CA PRO B 89 -25.75 19.69 0.22
C PRO B 89 -25.94 18.74 1.39
N ALA B 90 -26.06 19.31 2.58
CA ALA B 90 -26.30 18.51 3.78
C ALA B 90 -27.60 17.72 3.65
N ASP B 91 -28.61 18.32 3.04
CA ASP B 91 -29.88 17.64 2.76
C ASP B 91 -29.77 16.95 1.40
N LYS B 92 -29.80 15.61 1.41
CA LYS B 92 -29.56 14.85 0.20
C LYS B 92 -30.67 14.99 -0.84
N ASN B 93 -31.85 15.45 -0.44
CA ASN B 93 -32.90 15.69 -1.43
C ASN B 93 -32.57 16.85 -2.35
N ARG B 94 -31.60 17.70 -1.96
CA ARG B 94 -31.13 18.80 -2.79
C ARG B 94 -29.85 18.47 -3.54
N ALA B 95 -29.27 17.28 -3.31
CA ALA B 95 -28.08 16.85 -4.04
C ALA B 95 -28.52 16.23 -5.38
N GLN B 96 -29.08 17.08 -6.23
CA GLN B 96 -29.62 16.61 -7.50
C GLN B 96 -29.78 17.78 -8.44
N PHE B 97 -29.87 17.47 -9.73
CA PHE B 97 -30.19 18.45 -10.76
C PHE B 97 -31.52 18.06 -11.38
N THR B 98 -32.51 18.92 -11.24
CA THR B 98 -33.81 18.73 -11.89
C THR B 98 -33.79 19.45 -13.22
N ARG B 99 -34.07 18.72 -14.30
CA ARG B 99 -34.00 19.28 -15.64
C ARG B 99 -35.21 18.79 -16.43
N THR B 100 -35.35 19.23 -17.67
CA THR B 100 -36.47 18.83 -18.49
C THR B 100 -36.00 18.46 -19.89
N ILE B 101 -36.79 17.61 -20.55
CA ILE B 101 -36.57 17.25 -21.94
C ILE B 101 -37.87 17.46 -22.71
N ARG B 102 -37.76 18.00 -23.92
CA ARG B 102 -38.87 17.97 -24.86
C ARG B 102 -38.39 17.38 -26.18
N ALA B 103 -39.35 16.94 -26.99
CA ALA B 103 -39.04 16.33 -28.27
C ALA B 103 -40.14 16.70 -29.25
N TRP B 104 -39.81 16.59 -30.54
CA TRP B 104 -40.80 16.94 -31.57
C TRP B 104 -40.66 15.99 -32.74
N ASP B 105 -41.73 15.86 -33.52
CA ASP B 105 -41.77 14.98 -34.67
C ASP B 105 -41.47 15.79 -35.94
N ALA B 106 -41.60 15.14 -37.11
CA ALA B 106 -41.30 15.82 -38.37
C ALA B 106 -42.33 16.86 -38.74
N ALA B 107 -43.54 16.79 -38.19
CA ALA B 107 -44.53 17.84 -38.39
C ALA B 107 -44.34 19.03 -37.48
N GLY B 108 -43.42 18.95 -36.52
CA GLY B 108 -43.17 20.04 -35.61
C GLY B 108 -44.05 20.07 -34.39
N ASN B 109 -44.74 18.98 -34.07
CA ASN B 109 -45.50 18.90 -32.84
C ASN B 109 -44.52 18.68 -31.70
N VAL B 110 -44.47 19.62 -30.76
CA VAL B 110 -43.50 19.61 -29.66
C VAL B 110 -44.18 19.12 -28.40
N SER B 111 -43.51 18.21 -27.68
CA SER B 111 -44.04 17.76 -26.40
C SER B 111 -43.88 18.85 -25.35
N SER B 112 -44.62 18.71 -24.25
CA SER B 112 -44.37 19.53 -23.10
CA SER B 112 -44.36 19.54 -23.10
C SER B 112 -42.99 19.20 -22.51
N ASN B 113 -42.56 20.01 -21.56
CA ASN B 113 -41.29 19.74 -20.88
C ASN B 113 -41.50 18.61 -19.89
N ILE B 114 -40.76 17.52 -20.07
CA ILE B 114 -40.84 16.35 -19.21
C ILE B 114 -39.67 16.40 -18.24
N THR B 115 -39.95 16.25 -16.95
CA THR B 115 -38.93 16.38 -15.92
C THR B 115 -38.09 15.10 -15.78
N PHE B 116 -36.78 15.26 -15.64
CA PHE B 116 -35.91 14.19 -15.18
C PHE B 116 -34.96 14.76 -14.15
N VAL B 117 -34.47 13.88 -13.28
CA VAL B 117 -33.66 14.30 -12.14
C VAL B 117 -32.37 13.48 -12.14
N ILE B 118 -31.23 14.16 -12.10
CA ILE B 118 -29.93 13.52 -11.92
C ILE B 118 -29.52 13.70 -10.47
N LYS B 119 -29.58 12.63 -9.70
CA LYS B 119 -29.06 12.65 -8.34
C LYS B 119 -27.56 12.40 -8.37
N TYR B 120 -26.82 13.08 -7.50
CA TYR B 120 -25.38 12.85 -7.40
C TYR B 120 -24.98 12.66 -5.95
N ARG B 121 -23.95 11.84 -5.75
CA ARG B 121 -23.58 11.39 -4.42
C ARG B 121 -22.06 11.25 -4.35
N ALA B 122 -21.55 11.31 -3.13
CA ALA B 122 -20.13 11.04 -2.91
C ALA B 122 -19.78 9.61 -3.29
N GLN B 123 -18.51 9.39 -3.63
CA GLN B 123 -18.10 8.05 -4.06
C GLN B 123 -18.29 7.02 -2.96
N THR B 124 -18.17 7.41 -1.69
CA THR B 124 -18.37 6.42 -0.64
C THR B 124 -19.81 5.93 -0.59
N ASP B 125 -20.76 6.69 -1.13
CA ASP B 125 -22.13 6.18 -1.20
C ASP B 125 -22.24 5.04 -2.20
N LYS B 126 -21.39 5.04 -3.21
CA LYS B 126 -21.30 3.85 -4.05
C LYS B 126 -20.53 2.77 -3.33
N TYR B 127 -19.45 3.12 -2.65
CA TYR B 127 -18.54 2.12 -2.15
C TYR B 127 -18.77 1.71 -0.68
N ASN B 128 -18.46 0.42 -0.54
CA ASN B 128 -18.80 -0.43 0.61
C ASN B 128 -17.78 -1.56 0.57
N PRO B 129 -16.65 -1.39 1.25
CA PRO B 129 -15.54 -2.34 1.08
C PRO B 129 -15.86 -3.72 1.60
N ALA B 130 -15.34 -4.73 0.92
CA ALA B 130 -15.51 -6.11 1.33
C ALA B 130 -14.50 -6.47 2.43
N ASP B 131 -14.80 -7.55 3.14
CA ASP B 131 -13.93 -7.97 4.24
C ASP B 131 -12.57 -8.41 3.71
N PRO B 132 -11.47 -7.95 4.30
CA PRO B 132 -10.18 -8.54 3.99
C PRO B 132 -9.97 -9.82 4.78
N THR B 133 -9.08 -10.66 4.28
CA THR B 133 -8.58 -11.74 5.12
C THR B 133 -7.91 -11.13 6.35
N ILE B 134 -8.10 -11.78 7.49
CA ILE B 134 -7.62 -11.24 8.76
C ILE B 134 -6.09 -11.25 8.79
N THR B 135 -5.51 -10.19 9.33
CA THR B 135 -4.08 -10.08 9.55
C THR B 135 -3.79 -10.26 11.03
N TYR B 136 -2.90 -11.19 11.37
CA TYR B 136 -2.54 -11.45 12.75
C TYR B 136 -1.36 -10.58 13.15
N VAL B 137 -1.48 -9.89 14.28
CA VAL B 137 -0.54 -8.86 14.70
C VAL B 137 -0.06 -9.17 16.11
N ASP B 138 1.11 -8.62 16.45
CA ASP B 138 1.72 -8.87 17.76
C ASP B 138 1.05 -8.06 18.86
N ARG B 139 0.78 -6.78 18.60
CA ARG B 139 0.09 -5.91 19.54
C ARG B 139 -1.06 -5.23 18.81
N LEU B 140 -2.29 -5.46 19.29
CA LEU B 140 -3.47 -4.92 18.65
C LEU B 140 -3.58 -3.41 18.79
N SER B 141 -2.83 -2.81 19.72
CA SER B 141 -2.85 -1.37 19.91
C SER B 141 -1.69 -0.65 19.24
N SER B 142 -0.72 -1.40 18.70
CA SER B 142 0.47 -0.80 18.10
C SER B 142 0.97 -1.76 17.01
N LEU B 143 0.34 -1.67 15.84
CA LEU B 143 0.76 -2.47 14.70
C LEU B 143 2.17 -2.08 14.27
N SER B 144 2.90 -3.05 13.76
CA SER B 144 4.22 -2.83 13.21
C SER B 144 4.08 -2.30 11.79
N PRO B 145 5.16 -1.75 11.20
CA PRO B 145 5.09 -1.37 9.79
C PRO B 145 4.75 -2.53 8.87
N SER B 146 5.32 -3.71 9.13
CA SER B 146 5.03 -4.87 8.30
C SER B 146 3.57 -5.27 8.41
N GLU B 147 3.00 -5.19 9.60
CA GLU B 147 1.60 -5.58 9.78
C GLU B 147 0.67 -4.59 9.10
N LYS B 148 1.02 -3.31 9.11
CA LYS B 148 0.23 -2.33 8.38
C LYS B 148 0.28 -2.58 6.88
N ASN B 149 1.46 -2.93 6.35
CA ASN B 149 1.57 -3.30 4.94
C ASN B 149 0.65 -4.47 4.63
N ALA B 150 0.68 -5.52 5.47
CA ALA B 150 -0.17 -6.68 5.24
C ALA B 150 -1.65 -6.32 5.26
N VAL B 151 -2.05 -5.49 6.21
CA VAL B 151 -3.44 -5.05 6.31
C VAL B 151 -3.87 -4.34 5.03
N GLU B 152 -3.05 -3.40 4.56
CA GLU B 152 -3.41 -2.67 3.35
C GLU B 152 -3.49 -3.62 2.16
N ALA B 153 -2.49 -4.50 2.02
CA ALA B 153 -2.50 -5.46 0.93
C ALA B 153 -3.77 -6.31 0.94
N ALA B 154 -4.22 -6.72 2.14
CA ALA B 154 -5.38 -7.59 2.22
C ALA B 154 -6.67 -6.83 1.90
N VAL B 155 -6.78 -5.60 2.37
CA VAL B 155 -7.93 -4.77 2.00
C VAL B 155 -7.97 -4.57 0.49
N ARG B 156 -6.81 -4.27 -0.12
CA ARG B 156 -6.76 -4.07 -1.56
C ARG B 156 -7.13 -5.35 -2.31
N ALA B 157 -6.56 -6.48 -1.89
CA ALA B 157 -6.83 -7.74 -2.61
C ALA B 157 -8.30 -8.11 -2.57
N ALA B 158 -8.99 -7.81 -1.47
CA ALA B 158 -10.41 -8.11 -1.35
C ALA B 158 -11.30 -7.12 -2.09
N ASN B 159 -10.77 -5.99 -2.53
CA ASN B 159 -11.58 -4.91 -3.11
C ASN B 159 -11.02 -4.42 -4.44
N PRO B 160 -10.96 -5.29 -5.45
CA PRO B 160 -10.52 -4.81 -6.77
C PRO B 160 -11.51 -3.85 -7.40
N GLN B 161 -12.75 -3.79 -6.90
CA GLN B 161 -13.77 -2.90 -7.44
C GLN B 161 -13.64 -1.48 -6.93
N ILE B 162 -12.95 -1.28 -5.81
CA ILE B 162 -12.68 0.07 -5.31
C ILE B 162 -11.63 0.72 -6.23
N PRO B 163 -11.72 2.02 -6.49
CA PRO B 163 -10.78 2.64 -7.43
C PRO B 163 -9.35 2.38 -7.02
N ALA B 164 -8.51 2.04 -8.01
CA ALA B 164 -7.08 1.95 -7.74
C ALA B 164 -6.55 3.25 -7.16
N ALA B 165 -7.17 4.38 -7.54
CA ALA B 165 -6.76 5.70 -7.08
C ALA B 165 -7.18 5.98 -5.65
N ALA B 166 -8.08 5.19 -5.06
CA ALA B 166 -8.36 5.33 -3.65
C ALA B 166 -7.12 4.97 -2.85
N ARG B 167 -6.93 5.66 -1.72
CA ARG B 167 -5.79 5.40 -0.85
C ARG B 167 -6.26 4.74 0.43
N ILE B 168 -5.64 3.61 0.76
CA ILE B 168 -5.95 2.84 1.96
C ILE B 168 -4.87 3.13 2.99
N THR B 169 -5.27 3.66 4.15
CA THR B 169 -4.34 3.89 5.25
C THR B 169 -4.74 3.02 6.44
N VAL B 170 -3.77 2.76 7.30
CA VAL B 170 -3.94 1.89 8.46
C VAL B 170 -3.39 2.61 9.68
N SER B 171 -4.19 2.68 10.74
CA SER B 171 -3.78 3.37 11.94
C SER B 171 -3.02 2.41 12.87
N ALA B 172 -2.63 2.92 14.04
CA ALA B 172 -1.84 2.14 14.97
C ALA B 172 -2.60 0.90 15.48
N ASN B 173 -3.93 0.98 15.55
CA ASN B 173 -4.72 -0.14 16.06
C ASN B 173 -5.37 -0.95 14.95
N GLY B 174 -4.93 -0.77 13.71
CA GLY B 174 -5.48 -1.55 12.62
C GLY B 174 -6.76 -1.02 12.01
N THR B 175 -7.25 0.13 12.46
CA THR B 175 -8.40 0.75 11.81
C THR B 175 -7.99 1.18 10.41
N VAL B 176 -8.82 0.81 9.42
CA VAL B 176 -8.52 1.10 8.03
C VAL B 176 -9.38 2.27 7.58
N THR B 177 -8.75 3.26 6.95
CA THR B 177 -9.44 4.34 6.26
C THR B 177 -9.22 4.18 4.76
N ILE B 178 -10.31 4.25 4.00
CA ILE B 178 -10.25 4.27 2.54
C ILE B 178 -10.68 5.65 2.11
N THR B 179 -9.78 6.39 1.46
CA THR B 179 -10.06 7.73 0.98
C THR B 179 -10.22 7.66 -0.54
N TYR B 180 -11.44 7.88 -1.00
CA TYR B 180 -11.76 7.81 -2.42
C TYR B 180 -11.27 9.05 -3.15
N PRO B 181 -11.16 9.00 -4.48
CA PRO B 181 -10.64 10.16 -5.22
C PRO B 181 -11.38 11.46 -4.95
N ASP B 182 -12.66 11.42 -4.59
CA ASP B 182 -13.39 12.64 -4.29
C ASP B 182 -13.28 13.06 -2.82
N SER B 183 -12.36 12.44 -2.09
CA SER B 183 -12.02 12.70 -0.68
CA SER B 183 -12.02 12.70 -0.68
C SER B 183 -13.08 12.21 0.30
N SER B 184 -14.15 11.57 -0.16
CA SER B 184 -15.04 10.91 0.77
C SER B 184 -14.35 9.63 1.27
N THR B 185 -14.85 9.08 2.37
CA THR B 185 -14.11 7.99 3.02
C THR B 185 -15.04 6.85 3.41
N ASP B 186 -14.42 5.67 3.54
CA ASP B 186 -14.99 4.55 4.26
C ASP B 186 -14.04 4.15 5.38
N THR B 187 -14.60 3.50 6.40
CA THR B 187 -13.83 3.01 7.54
C THR B 187 -14.11 1.52 7.71
N ILE B 188 -13.06 0.75 7.94
CA ILE B 188 -13.19 -0.65 8.32
C ILE B 188 -12.68 -0.78 9.75
N THR B 189 -13.57 -1.15 10.68
CA THR B 189 -13.19 -1.23 12.08
C THR B 189 -12.15 -2.32 12.29
N ALA B 190 -11.32 -2.13 13.32
CA ALA B 190 -10.15 -2.98 13.51
C ALA B 190 -10.53 -4.43 13.72
N ASN B 191 -11.70 -4.71 14.29
CA ASN B 191 -12.07 -6.10 14.54
C ASN B 191 -12.41 -6.84 13.25
N ARG B 192 -12.65 -6.10 12.15
CA ARG B 192 -12.81 -6.73 10.85
C ARG B 192 -11.49 -6.98 10.17
N VAL B 193 -10.38 -6.52 10.74
CA VAL B 193 -9.11 -6.38 10.04
C VAL B 193 -7.98 -7.17 10.70
N VAL B 194 -7.83 -7.02 12.02
CA VAL B 194 -6.70 -7.60 12.72
C VAL B 194 -7.18 -8.46 13.88
N LYS B 195 -6.35 -9.45 14.24
CA LYS B 195 -6.54 -10.25 15.44
C LYS B 195 -5.18 -10.51 16.06
N ASP B 196 -5.18 -10.76 17.37
CA ASP B 196 -3.93 -11.04 18.07
C ASP B 196 -3.34 -12.36 17.60
N LEU B 197 -2.03 -12.38 17.39
CA LEU B 197 -1.33 -13.56 16.90
C LEU B 197 -1.23 -14.63 18.00
#